data_9G8T
#
_entry.id   9G8T
#
_cell.length_a   77.240
_cell.length_b   77.240
_cell.length_c   83.300
_cell.angle_alpha   90.00
_cell.angle_beta   90.00
_cell.angle_gamma   120.00
#
_symmetry.space_group_name_H-M   'P 31 2 1'
#
loop_
_entity.id
_entity.type
_entity.pdbx_description
1 polymer 'Metallo-beta-lactamase domain-containing protein'
2 non-polymer DI(HYDROXYETHYL)ETHER
3 non-polymer 'ZINC ION'
4 non-polymer 'CHLORIDE ION'
5 water water
#
_entity_poly.entity_id   1
_entity_poly.type   'polypeptide(L)'
_entity_poly.pdbx_seq_one_letter_code
;MLKPDITAFFDPATSTYSYVVRDPSSRACAIVDPVLDYDPAAGRTSHASAERLIAHVRQHDLQVEWLLETHVHADHLSAA
IFLQRELGGCLAIGARITQVQAKFSGLFNLGEAFPVDGRQFEHLFEDGESFRIGALECRALHTPGHTPACMTYLVGDSAF
VGDTLFMPDYGTARCDFPGGDARQLYRSIQRLFALPDATRLFMCHDYTAPGRDEHRCETSVGEQRRHNVHVREGVDEEAF
VAMRQQRDATLGMPTLMLPAIQVNMRGGNLPPVEGNGVRYLKIPLDLFLEHHHHHH
;
_entity_poly.pdbx_strand_id   A
#
loop_
_chem_comp.id
_chem_comp.type
_chem_comp.name
_chem_comp.formula
CL non-polymer 'CHLORIDE ION' 'Cl -1'
PEG non-polymer DI(HYDROXYETHYL)ETHER 'C4 H10 O3'
ZN non-polymer 'ZINC ION' 'Zn 2'
#
# COMPACT_ATOMS: atom_id res chain seq x y z
N LEU A 2 -1.14 -8.13 23.33
CA LEU A 2 -1.80 -6.83 23.15
C LEU A 2 -2.26 -6.58 21.70
N LYS A 3 -3.56 -6.48 21.52
CA LYS A 3 -4.08 -6.53 20.18
C LYS A 3 -4.53 -5.15 19.69
N PRO A 4 -4.25 -4.80 18.44
CA PRO A 4 -4.62 -3.48 17.94
C PRO A 4 -6.12 -3.30 17.78
N ASP A 5 -6.57 -2.09 18.06
CA ASP A 5 -7.90 -1.62 17.69
C ASP A 5 -7.84 -1.13 16.24
N ILE A 6 -8.55 -1.82 15.34
CA ILE A 6 -8.44 -1.57 13.90
C ILE A 6 -9.80 -1.13 13.36
N THR A 7 -9.81 0.03 12.70
CA THR A 7 -10.96 0.56 11.98
C THR A 7 -10.63 0.63 10.49
N ALA A 8 -11.49 0.02 9.68
CA ALA A 8 -11.37 -0.03 8.23
C ALA A 8 -12.19 1.10 7.59
N PHE A 9 -11.71 1.58 6.45
CA PHE A 9 -12.35 2.66 5.70
C PHE A 9 -12.33 2.28 4.22
N PHE A 10 -13.50 2.00 3.65
CA PHE A 10 -13.61 1.58 2.26
C PHE A 10 -13.77 2.80 1.36
N ASP A 11 -13.01 2.84 0.27
CA ASP A 11 -13.21 3.86 -0.76
C ASP A 11 -13.82 3.21 -1.99
N PRO A 12 -15.11 3.44 -2.29
CA PRO A 12 -15.73 2.77 -3.45
C PRO A 12 -15.16 3.17 -4.80
N ALA A 13 -14.63 4.39 -4.96
CA ALA A 13 -14.02 4.75 -6.23
C ALA A 13 -12.84 3.83 -6.58
N THR A 14 -11.95 3.59 -5.62
CA THR A 14 -10.75 2.81 -5.90
C THR A 14 -10.75 1.44 -5.24
N SER A 15 -11.80 1.08 -4.50
CA SER A 15 -11.90 -0.23 -3.85
C SER A 15 -10.79 -0.41 -2.82
N THR A 16 -10.28 0.71 -2.28
CA THR A 16 -9.19 0.70 -1.33
C THR A 16 -9.72 0.66 0.10
N TYR A 17 -9.15 -0.20 0.93
CA TYR A 17 -9.32 -0.14 2.38
C TYR A 17 -8.11 0.59 2.96
N SER A 18 -8.38 1.68 3.66
CA SER A 18 -7.44 2.31 4.57
C SER A 18 -7.77 1.91 5.99
N TYR A 19 -6.81 2.03 6.89
CA TYR A 19 -7.05 1.66 8.27
C TYR A 19 -6.48 2.69 9.24
N VAL A 20 -7.19 2.87 10.36
CA VAL A 20 -6.63 3.44 11.58
C VAL A 20 -6.26 2.29 12.52
N VAL A 21 -4.99 2.21 12.90
CA VAL A 21 -4.49 1.16 13.77
C VAL A 21 -4.15 1.80 15.10
N ARG A 22 -4.94 1.51 16.12
CA ARG A 22 -4.91 2.22 17.40
C ARG A 22 -4.38 1.32 18.51
N ASP A 23 -3.47 1.86 19.32
CA ASP A 23 -3.02 1.22 20.55
C ASP A 23 -4.09 1.37 21.63
N PRO A 24 -4.76 0.28 22.03
CA PRO A 24 -5.80 0.41 23.07
C PRO A 24 -5.29 0.95 24.40
N SER A 25 -4.02 0.73 24.75
CA SER A 25 -3.51 1.19 26.03
C SER A 25 -3.08 2.65 26.02
N SER A 26 -3.23 3.34 24.89
CA SER A 26 -2.88 4.74 24.85
C SER A 26 -3.74 5.42 23.79
N ARG A 27 -3.31 6.59 23.35
CA ARG A 27 -3.97 7.29 22.25
C ARG A 27 -3.17 7.21 20.96
N ALA A 28 -2.05 6.50 20.95
CA ALA A 28 -1.20 6.40 19.77
C ALA A 28 -1.89 5.58 18.68
N CYS A 29 -1.80 6.05 17.43
CA CYS A 29 -2.31 5.25 16.32
C CYS A 29 -1.42 5.44 15.08
N ALA A 30 -1.60 4.55 14.12
CA ALA A 30 -1.05 4.71 12.79
C ALA A 30 -2.17 4.70 11.76
N ILE A 31 -1.90 5.30 10.61
CA ILE A 31 -2.83 5.32 9.48
C ILE A 31 -2.18 4.57 8.33
N VAL A 32 -2.90 3.62 7.77
CA VAL A 32 -2.38 2.73 6.74
C VAL A 32 -3.09 3.04 5.42
N ASP A 33 -2.30 3.26 4.37
CA ASP A 33 -2.79 3.43 3.01
C ASP A 33 -3.94 4.45 2.87
N PRO A 34 -3.75 5.70 3.26
CA PRO A 34 -4.84 6.67 3.15
C PRO A 34 -4.99 7.19 1.72
N VAL A 35 -6.24 7.48 1.33
CA VAL A 35 -6.59 7.75 -0.06
C VAL A 35 -6.75 9.24 -0.30
N LEU A 36 -6.05 9.77 -1.30
CA LEU A 36 -6.36 11.11 -1.80
C LEU A 36 -7.23 10.94 -3.04
N ASP A 37 -8.46 11.44 -2.97
CA ASP A 37 -9.40 11.20 -4.05
C ASP A 37 -8.98 12.00 -5.27
N TYR A 38 -9.09 11.38 -6.44
CA TYR A 38 -8.56 11.98 -7.66
C TYR A 38 -9.47 11.68 -8.84
N ASP A 39 -9.92 12.75 -9.51
CA ASP A 39 -10.71 12.65 -10.72
C ASP A 39 -9.79 12.82 -11.92
N PRO A 40 -9.47 11.76 -12.65
CA PRO A 40 -8.46 11.91 -13.72
C PRO A 40 -8.93 12.73 -14.91
N ALA A 41 -10.23 12.83 -15.17
CA ALA A 41 -10.65 13.62 -16.33
C ALA A 41 -10.39 15.11 -16.09
N ALA A 42 -10.61 15.58 -14.87
CA ALA A 42 -10.44 16.99 -14.53
C ALA A 42 -9.13 17.29 -13.81
N GLY A 43 -8.39 16.29 -13.37
CA GLY A 43 -7.23 16.56 -12.54
C GLY A 43 -7.58 17.19 -11.21
N ARG A 44 -8.74 16.87 -10.66
CA ARG A 44 -9.18 17.40 -9.37
C ARG A 44 -8.83 16.38 -8.29
N THR A 45 -8.02 16.81 -7.32
CA THR A 45 -7.85 16.09 -6.06
C THR A 45 -8.88 16.59 -5.05
N SER A 46 -9.44 15.68 -4.27
CA SER A 46 -10.35 16.03 -3.20
C SER A 46 -10.02 15.22 -1.96
N HIS A 47 -10.53 15.72 -0.82
CA HIS A 47 -10.09 15.29 0.50
C HIS A 47 -11.17 14.54 1.29
N ALA A 48 -12.23 14.08 0.63
CA ALA A 48 -13.31 13.39 1.33
C ALA A 48 -12.82 12.15 2.12
N SER A 49 -12.10 11.24 1.46
CA SER A 49 -11.66 10.04 2.17
C SER A 49 -10.77 10.42 3.36
N ALA A 50 -9.80 11.31 3.15
CA ALA A 50 -8.92 11.69 4.25
C ALA A 50 -9.69 12.35 5.39
N GLU A 51 -10.70 13.18 5.06
CA GLU A 51 -11.50 13.82 6.10
C GLU A 51 -12.22 12.81 6.99
N ARG A 52 -12.62 11.65 6.44
CA ARG A 52 -13.11 10.58 7.30
C ARG A 52 -12.05 10.18 8.33
N LEU A 53 -10.80 10.00 7.89
CA LEU A 53 -9.74 9.65 8.82
C LEU A 53 -9.49 10.74 9.83
N ILE A 54 -9.50 12.01 9.40
CA ILE A 54 -9.24 13.09 10.33
C ILE A 54 -10.32 13.12 11.39
N ALA A 55 -11.58 12.98 10.99
CA ALA A 55 -12.69 13.01 11.93
C ALA A 55 -12.60 11.88 12.96
N HIS A 56 -12.19 10.68 12.52
CA HIS A 56 -12.09 9.57 13.47
C HIS A 56 -11.01 9.85 14.50
N VAL A 57 -9.84 10.28 14.02
CA VAL A 57 -8.74 10.65 14.91
C VAL A 57 -9.18 11.72 15.90
N ARG A 58 -9.99 12.68 15.44
CA ARG A 58 -10.42 13.77 16.32
C ARG A 58 -11.48 13.31 17.31
N GLN A 59 -12.47 12.53 16.86
CA GLN A 59 -13.47 11.95 17.75
C GLN A 59 -12.83 11.23 18.94
N HIS A 60 -11.94 10.27 18.65
CA HIS A 60 -11.35 9.45 19.70
C HIS A 60 -10.07 10.06 20.27
N ASP A 61 -9.76 11.30 19.89
CA ASP A 61 -8.63 12.05 20.44
C ASP A 61 -7.35 11.23 20.37
N LEU A 62 -6.97 10.87 19.14
CA LEU A 62 -5.82 10.02 18.91
C LEU A 62 -4.62 10.85 18.47
N GLN A 63 -3.44 10.29 18.67
CA GLN A 63 -2.19 10.95 18.30
C GLN A 63 -1.59 10.12 17.18
N VAL A 64 -1.48 10.70 15.98
CA VAL A 64 -0.97 9.96 14.84
C VAL A 64 0.55 9.84 14.98
N GLU A 65 1.03 8.61 15.15
CA GLU A 65 2.46 8.33 15.23
C GLU A 65 3.05 7.89 13.90
N TRP A 66 2.28 7.20 13.07
CA TRP A 66 2.79 6.65 11.83
C TRP A 66 1.78 6.90 10.72
N LEU A 67 2.31 7.21 9.54
CA LEU A 67 1.54 7.23 8.30
C LEU A 67 2.17 6.15 7.42
N LEU A 68 1.56 4.97 7.39
CA LEU A 68 2.18 3.80 6.76
C LEU A 68 1.63 3.58 5.35
N GLU A 69 2.52 3.25 4.43
CA GLU A 69 2.13 2.76 3.12
C GLU A 69 2.58 1.31 3.04
N THR A 70 1.68 0.42 2.59
CA THR A 70 2.09 -0.97 2.42
C THR A 70 2.92 -1.17 1.16
N HIS A 71 2.69 -0.37 0.14
CA HIS A 71 3.46 -0.45 -1.10
C HIS A 71 3.21 0.83 -1.87
N VAL A 72 3.89 0.98 -3.01
CA VAL A 72 3.56 2.07 -3.93
C VAL A 72 2.28 1.72 -4.69
N HIS A 73 1.26 2.54 -4.52
CA HIS A 73 -0.06 2.28 -5.07
C HIS A 73 -0.14 2.77 -6.49
N ALA A 74 -0.62 1.90 -7.36
CA ALA A 74 -0.84 2.23 -8.75
C ALA A 74 -2.30 2.53 -9.04
N ASP A 75 -3.19 2.37 -8.05
CA ASP A 75 -4.62 2.53 -8.24
C ASP A 75 -5.19 3.73 -7.52
N HIS A 76 -4.39 4.44 -6.73
CA HIS A 76 -4.89 5.62 -6.05
C HIS A 76 -3.71 6.49 -5.65
N LEU A 77 -3.98 7.77 -5.45
CA LEU A 77 -2.98 8.69 -4.92
C LEU A 77 -3.06 8.65 -3.40
N SER A 78 -1.92 8.75 -2.76
CA SER A 78 -1.89 8.76 -1.29
C SER A 78 -2.19 10.16 -0.74
N ALA A 79 -2.98 10.19 0.32
CA ALA A 79 -3.28 11.40 1.09
C ALA A 79 -2.35 11.60 2.29
N ALA A 80 -1.19 10.92 2.32
CA ALA A 80 -0.30 11.01 3.47
C ALA A 80 0.07 12.46 3.78
N ILE A 81 0.48 13.22 2.76
CA ILE A 81 1.00 14.57 3.02
C ILE A 81 -0.09 15.46 3.62
N PHE A 82 -1.32 15.30 3.15
CA PHE A 82 -2.41 16.12 3.68
C PHE A 82 -2.74 15.75 5.12
N LEU A 83 -2.86 14.45 5.39
CA LEU A 83 -3.03 14.01 6.77
C LEU A 83 -1.86 14.43 7.65
N GLN A 84 -0.65 14.35 7.11
CA GLN A 84 0.52 14.74 7.90
C GLN A 84 0.43 16.19 8.31
N ARG A 85 -0.04 17.06 7.42
CA ARG A 85 -0.22 18.47 7.75
C ARG A 85 -1.24 18.65 8.87
N GLU A 86 -2.37 17.96 8.76
CA GLU A 86 -3.46 18.13 9.73
C GLU A 86 -3.18 17.40 11.04
N LEU A 87 -2.61 16.20 10.95
CA LEU A 87 -2.48 15.34 12.12
C LEU A 87 -1.04 15.08 12.57
N GLY A 88 -0.04 15.47 11.79
CA GLY A 88 1.29 15.06 12.18
C GLY A 88 1.56 13.59 11.84
N GLY A 89 2.61 13.05 12.45
CA GLY A 89 2.96 11.66 12.27
C GLY A 89 4.11 11.48 11.31
N CYS A 90 4.72 10.30 11.37
CA CYS A 90 5.94 9.98 10.64
C CYS A 90 5.58 9.12 9.43
N LEU A 91 5.97 9.58 8.24
CA LEU A 91 5.63 8.94 6.97
C LEU A 91 6.59 7.79 6.69
N ALA A 92 6.05 6.60 6.41
CA ALA A 92 6.91 5.43 6.35
C ALA A 92 6.44 4.44 5.28
N ILE A 93 7.42 3.72 4.73
CA ILE A 93 7.26 2.80 3.61
C ILE A 93 8.46 1.85 3.61
N GLY A 94 8.36 0.76 2.86
CA GLY A 94 9.48 -0.17 2.79
C GLY A 94 10.67 0.40 2.05
N ALA A 95 11.86 -0.05 2.47
CA ALA A 95 13.12 0.51 1.97
C ALA A 95 13.28 0.37 0.47
N ARG A 96 12.69 -0.67 -0.13
CA ARG A 96 12.87 -0.85 -1.57
C ARG A 96 12.08 0.14 -2.39
N ILE A 97 11.44 1.14 -1.77
CA ILE A 97 10.85 2.24 -2.52
C ILE A 97 11.87 2.93 -3.41
N THR A 98 13.17 2.85 -3.09
CA THR A 98 14.16 3.54 -3.89
C THR A 98 14.35 2.88 -5.26
N GLN A 99 14.05 1.59 -5.37
CA GLN A 99 14.01 0.96 -6.70
C GLN A 99 12.92 1.56 -7.57
N VAL A 100 11.73 1.78 -6.99
CA VAL A 100 10.64 2.34 -7.79
C VAL A 100 10.93 3.80 -8.14
N GLN A 101 11.49 4.54 -7.19
CA GLN A 101 11.87 5.94 -7.46
C GLN A 101 12.87 6.02 -8.59
N ALA A 102 13.93 5.22 -8.52
CA ALA A 102 14.99 5.29 -9.52
C ALA A 102 14.49 4.85 -10.88
N LYS A 103 13.58 3.88 -10.92
CA LYS A 103 13.06 3.43 -12.21
C LYS A 103 12.13 4.48 -12.82
N PHE A 104 11.20 4.99 -12.02
CA PHE A 104 10.22 5.90 -12.57
C PHE A 104 10.74 7.34 -12.68
N SER A 105 11.76 7.71 -11.91
CA SER A 105 12.44 8.95 -12.23
C SER A 105 12.90 8.95 -13.69
N GLY A 106 13.39 7.79 -14.17
CA GLY A 106 13.71 7.68 -15.59
C GLY A 106 12.48 7.68 -16.48
N LEU A 107 11.47 6.87 -16.12
CA LEU A 107 10.27 6.79 -16.97
C LEU A 107 9.48 8.10 -17.01
N PHE A 108 9.51 8.90 -15.93
CA PHE A 108 8.85 10.20 -15.94
C PHE A 108 9.78 11.35 -16.32
N ASN A 109 11.07 11.08 -16.51
CA ASN A 109 12.07 12.07 -16.93
C ASN A 109 12.14 13.26 -15.97
N LEU A 110 12.45 12.96 -14.70
CA LEU A 110 12.44 14.01 -13.69
C LEU A 110 13.80 14.64 -13.43
N GLY A 111 14.90 14.02 -13.87
CA GLY A 111 16.21 14.57 -13.59
C GLY A 111 16.63 14.26 -12.16
N GLU A 112 17.56 15.07 -11.65
CA GLU A 112 18.00 14.94 -10.28
C GLU A 112 17.38 16.00 -9.37
N ALA A 113 16.56 16.90 -9.91
CA ALA A 113 15.61 17.63 -9.08
C ALA A 113 14.65 16.68 -8.37
N PHE A 114 14.71 15.39 -8.67
CA PHE A 114 13.91 14.36 -8.01
C PHE A 114 14.83 13.37 -7.31
N PRO A 115 14.97 13.45 -5.98
CA PRO A 115 15.81 12.48 -5.27
C PRO A 115 15.21 11.07 -5.28
N VAL A 116 16.08 10.07 -5.46
CA VAL A 116 15.69 8.68 -5.62
C VAL A 116 16.19 7.81 -4.47
N ASP A 117 16.33 8.38 -3.28
CA ASP A 117 16.80 7.64 -2.11
C ASP A 117 15.77 7.57 -0.98
N GLY A 118 14.56 8.07 -1.17
CA GLY A 118 13.54 7.94 -0.16
C GLY A 118 13.47 9.04 0.88
N ARG A 119 14.21 10.15 0.68
CA ARG A 119 14.17 11.26 1.63
C ARG A 119 12.75 11.78 1.82
N GLN A 120 11.90 11.63 0.81
CA GLN A 120 10.52 12.10 0.93
C GLN A 120 9.79 11.37 2.06
N PHE A 121 10.19 10.15 2.36
CA PHE A 121 9.66 9.38 3.48
C PHE A 121 10.60 9.54 4.67
N GLU A 122 10.02 9.56 5.86
CA GLU A 122 10.85 9.78 7.04
C GLU A 122 11.43 8.48 7.60
N HIS A 123 10.82 7.33 7.34
CA HIS A 123 11.39 6.04 7.71
C HIS A 123 11.25 5.07 6.55
N LEU A 124 12.33 4.34 6.27
CA LEU A 124 12.30 3.25 5.32
C LEU A 124 12.50 1.94 6.08
N PHE A 125 11.51 1.06 6.05
CA PHE A 125 11.59 -0.18 6.82
C PHE A 125 12.44 -1.21 6.11
N GLU A 126 13.35 -1.81 6.86
CA GLU A 126 14.07 -2.97 6.35
C GLU A 126 13.25 -4.24 6.61
N ASP A 127 13.63 -5.31 5.91
CA ASP A 127 12.97 -6.59 6.13
C ASP A 127 13.19 -7.05 7.57
N GLY A 128 12.09 -7.37 8.26
CA GLY A 128 12.15 -7.86 9.63
C GLY A 128 12.26 -6.81 10.71
N GLU A 129 12.22 -5.53 10.36
CA GLU A 129 12.41 -4.46 11.34
C GLU A 129 11.23 -4.39 12.30
N SER A 130 11.53 -4.37 13.60
CA SER A 130 10.53 -4.17 14.64
C SER A 130 10.31 -2.68 14.90
N PHE A 131 9.09 -2.35 15.30
CA PHE A 131 8.72 -0.99 15.64
C PHE A 131 7.46 -1.06 16.50
N ARG A 132 7.09 0.06 17.09
CA ARG A 132 5.92 0.11 17.95
C ARG A 132 4.95 1.21 17.51
N ILE A 133 3.66 0.93 17.73
CA ILE A 133 2.59 1.95 17.70
C ILE A 133 2.08 2.10 19.12
N GLY A 134 2.63 3.07 19.85
CA GLY A 134 2.36 3.14 21.27
C GLY A 134 3.00 1.92 21.90
N ALA A 135 2.21 1.18 22.69
CA ALA A 135 2.63 -0.07 23.30
C ALA A 135 2.56 -1.27 22.35
N LEU A 136 1.90 -1.15 21.20
CA LEU A 136 1.73 -2.29 20.30
C LEU A 136 3.08 -2.72 19.74
N GLU A 137 3.27 -4.02 19.60
CA GLU A 137 4.49 -4.56 19.01
C GLU A 137 4.26 -4.86 17.54
N CYS A 138 5.17 -4.40 16.68
CA CYS A 138 4.99 -4.48 15.24
C CYS A 138 6.31 -4.83 14.57
N ARG A 139 6.18 -5.36 13.34
CA ARG A 139 7.32 -5.78 12.54
C ARG A 139 6.96 -5.60 11.09
N ALA A 140 7.93 -5.22 10.27
CA ALA A 140 7.71 -5.05 8.84
C ALA A 140 8.41 -6.18 8.10
N LEU A 141 7.65 -6.93 7.33
CA LEU A 141 8.16 -8.01 6.50
C LEU A 141 8.20 -7.60 5.03
N HIS A 142 9.30 -7.93 4.34
CA HIS A 142 9.32 -7.72 2.90
C HIS A 142 8.49 -8.80 2.23
N THR A 143 7.46 -8.40 1.49
CA THR A 143 6.60 -9.34 0.76
C THR A 143 6.41 -8.88 -0.69
N PRO A 144 7.48 -8.86 -1.49
CA PRO A 144 7.38 -8.30 -2.85
C PRO A 144 6.66 -9.24 -3.81
N GLY A 145 6.37 -8.71 -5.00
CA GLY A 145 5.76 -9.50 -6.05
C GLY A 145 4.71 -8.73 -6.85
N HIS A 146 3.80 -8.09 -6.12
CA HIS A 146 2.88 -7.12 -6.72
C HIS A 146 3.67 -5.91 -7.24
N THR A 147 4.59 -5.42 -6.43
CA THR A 147 5.61 -4.43 -6.73
C THR A 147 6.91 -4.90 -6.06
N PRO A 148 8.06 -4.36 -6.47
CA PRO A 148 9.31 -4.75 -5.81
C PRO A 148 9.35 -4.36 -4.34
N ALA A 149 8.51 -3.44 -3.89
CA ALA A 149 8.73 -2.79 -2.60
C ALA A 149 7.64 -3.09 -1.58
N CYS A 150 6.72 -4.01 -1.86
CA CYS A 150 5.61 -4.26 -0.96
C CYS A 150 6.09 -4.71 0.44
N MET A 151 5.40 -4.22 1.47
N MET A 151 5.37 -4.23 1.45
CA MET A 151 5.63 -4.65 2.85
CA MET A 151 5.58 -4.58 2.85
C MET A 151 4.31 -5.12 3.45
C MET A 151 4.29 -5.14 3.44
N THR A 152 4.43 -6.09 4.35
CA THR A 152 3.35 -6.52 5.23
C THR A 152 3.68 -6.03 6.63
N TYR A 153 2.71 -5.42 7.31
CA TYR A 153 2.94 -4.90 8.65
C TYR A 153 2.24 -5.83 9.64
N LEU A 154 3.03 -6.51 10.47
CA LEU A 154 2.49 -7.22 11.61
C LEU A 154 2.35 -6.26 12.78
N VAL A 155 1.17 -6.27 13.42
CA VAL A 155 0.87 -5.41 14.56
C VAL A 155 0.08 -6.27 15.53
N GLY A 156 0.73 -6.77 16.60
CA GLY A 156 0.06 -7.68 17.52
C GLY A 156 -0.39 -8.95 16.84
N ASP A 157 -1.70 -9.23 16.88
CA ASP A 157 -2.24 -10.43 16.25
C ASP A 157 -2.63 -10.23 14.78
N SER A 158 -2.32 -9.08 14.19
CA SER A 158 -2.84 -8.77 12.87
C SER A 158 -1.70 -8.53 11.88
N ALA A 159 -2.07 -8.40 10.60
CA ALA A 159 -1.13 -8.20 9.51
C ALA A 159 -1.81 -7.41 8.40
N PHE A 160 -1.17 -6.34 7.98
CA PHE A 160 -1.68 -5.51 6.89
C PHE A 160 -0.86 -5.90 5.67
N VAL A 161 -1.47 -6.73 4.82
CA VAL A 161 -0.73 -7.43 3.77
C VAL A 161 -0.66 -6.62 2.47
N GLY A 162 -1.33 -5.47 2.40
CA GLY A 162 -1.30 -4.70 1.17
C GLY A 162 -1.99 -5.47 0.06
N ASP A 163 -1.39 -5.45 -1.13
CA ASP A 163 -1.92 -6.16 -2.27
C ASP A 163 -1.28 -7.54 -2.46
N THR A 164 -0.70 -8.09 -1.40
N THR A 164 -0.65 -8.10 -1.43
CA THR A 164 -0.04 -9.39 -1.49
CA THR A 164 -0.06 -9.41 -1.66
C THR A 164 -1.08 -10.51 -1.62
C THR A 164 -1.10 -10.53 -1.66
N LEU A 165 -2.28 -10.32 -1.07
CA LEU A 165 -3.39 -11.24 -1.28
C LEU A 165 -4.70 -10.46 -1.38
N PHE A 166 -5.65 -11.02 -2.12
CA PHE A 166 -7.04 -10.59 -2.04
C PHE A 166 -7.78 -11.54 -1.12
N MET A 167 -9.08 -11.28 -0.93
CA MET A 167 -9.92 -12.18 -0.15
C MET A 167 -9.93 -13.55 -0.83
N PRO A 168 -10.14 -14.63 -0.06
CA PRO A 168 -9.92 -15.98 -0.62
C PRO A 168 -10.68 -16.29 -1.90
N ASP A 169 -11.87 -15.71 -2.08
CA ASP A 169 -12.65 -16.00 -3.27
C ASP A 169 -12.26 -15.15 -4.47
N TYR A 170 -11.50 -14.06 -4.29
CA TYR A 170 -10.97 -13.33 -5.43
C TYR A 170 -9.53 -13.73 -5.76
N GLY A 171 -8.76 -14.18 -4.77
CA GLY A 171 -7.45 -14.73 -5.06
C GLY A 171 -6.29 -13.79 -4.83
N THR A 172 -5.63 -13.39 -5.92
CA THR A 172 -4.41 -12.58 -5.85
C THR A 172 -4.51 -11.42 -6.84
N ALA A 173 -3.62 -10.45 -6.67
CA ALA A 173 -3.50 -9.28 -7.52
C ALA A 173 -2.47 -9.51 -8.63
N ARG A 174 -2.56 -8.64 -9.64
CA ARG A 174 -1.64 -8.66 -10.76
C ARG A 174 -0.20 -8.43 -10.29
N CYS A 175 0.75 -8.93 -11.09
CA CYS A 175 2.18 -8.74 -10.83
C CYS A 175 2.92 -8.13 -12.00
N ASP A 176 2.23 -7.40 -12.88
CA ASP A 176 2.85 -6.86 -14.08
C ASP A 176 3.34 -5.43 -13.92
N PHE A 177 3.21 -4.84 -12.74
CA PHE A 177 3.87 -3.57 -12.45
C PHE A 177 5.37 -3.72 -12.67
N PRO A 178 6.06 -2.66 -13.09
CA PRO A 178 7.52 -2.74 -13.29
C PRO A 178 8.26 -3.16 -12.03
N GLY A 179 9.04 -4.25 -12.15
CA GLY A 179 9.68 -4.90 -11.02
C GLY A 179 8.83 -5.96 -10.35
N GLY A 180 7.55 -6.06 -10.72
CA GLY A 180 6.72 -7.11 -10.19
C GLY A 180 7.07 -8.47 -10.75
N ASP A 181 6.72 -9.49 -9.99
CA ASP A 181 7.22 -10.85 -10.25
C ASP A 181 6.21 -11.83 -9.67
N ALA A 182 5.51 -12.56 -10.55
CA ALA A 182 4.54 -13.54 -10.05
C ALA A 182 5.20 -14.58 -9.15
N ARG A 183 6.45 -14.97 -9.45
CA ARG A 183 7.06 -16.01 -8.62
C ARG A 183 7.54 -15.46 -7.28
N GLN A 184 8.04 -14.22 -7.26
CA GLN A 184 8.34 -13.56 -6.00
C GLN A 184 7.08 -13.44 -5.14
N LEU A 185 5.93 -13.12 -5.75
CA LEU A 185 4.68 -13.02 -5.01
C LEU A 185 4.27 -14.37 -4.44
N TYR A 186 4.40 -15.44 -5.24
CA TYR A 186 4.10 -16.77 -4.72
C TYR A 186 4.86 -17.07 -3.43
N ARG A 187 6.16 -16.74 -3.40
CA ARG A 187 6.94 -17.06 -2.21
C ARG A 187 6.71 -16.05 -1.09
N SER A 188 6.30 -14.82 -1.43
CA SER A 188 5.87 -13.91 -0.38
C SER A 188 4.63 -14.45 0.33
N ILE A 189 3.69 -15.02 -0.43
CA ILE A 189 2.48 -15.62 0.13
C ILE A 189 2.83 -16.84 0.99
N GLN A 190 3.82 -17.62 0.59
CA GLN A 190 4.18 -18.77 1.41
C GLN A 190 4.64 -18.28 2.79
N ARG A 191 5.48 -17.24 2.80
CA ARG A 191 5.85 -16.58 4.04
C ARG A 191 4.61 -16.18 4.86
N LEU A 192 3.57 -15.67 4.20
CA LEU A 192 2.37 -15.27 4.95
C LEU A 192 1.64 -16.49 5.50
N PHE A 193 1.62 -17.59 4.74
CA PHE A 193 0.91 -18.79 5.16
C PHE A 193 1.56 -19.46 6.36
N ALA A 194 2.88 -19.27 6.54
CA ALA A 194 3.58 -19.80 7.71
C ALA A 194 3.29 -19.01 8.98
N LEU A 195 2.54 -17.91 8.89
CA LEU A 195 2.11 -17.24 10.10
C LEU A 195 1.06 -18.10 10.80
N PRO A 196 0.78 -17.82 12.08
CA PRO A 196 -0.32 -18.53 12.77
C PRO A 196 -1.64 -18.34 12.04
N ASP A 197 -2.39 -19.44 11.93
CA ASP A 197 -3.62 -19.46 11.14
C ASP A 197 -4.67 -18.48 11.64
N ALA A 198 -4.56 -18.01 12.88
CA ALA A 198 -5.53 -17.09 13.45
C ALA A 198 -5.17 -15.63 13.23
N THR A 199 -4.00 -15.35 12.68
CA THR A 199 -3.61 -13.96 12.40
C THR A 199 -4.70 -13.27 11.58
N ARG A 200 -5.18 -12.14 12.09
CA ARG A 200 -6.14 -11.35 11.31
C ARG A 200 -5.41 -10.73 10.13
N LEU A 201 -5.88 -11.02 8.91
CA LEU A 201 -5.29 -10.48 7.70
C LEU A 201 -6.19 -9.39 7.12
N PHE A 202 -5.63 -8.22 6.84
CA PHE A 202 -6.40 -7.07 6.35
C PHE A 202 -5.93 -6.68 4.96
N MET A 203 -6.82 -6.78 3.98
CA MET A 203 -6.54 -6.52 2.57
C MET A 203 -6.52 -5.03 2.28
N CYS A 204 -5.81 -4.67 1.19
CA CYS A 204 -5.77 -3.32 0.67
C CYS A 204 -6.88 -3.06 -0.32
N HIS A 205 -7.35 -4.08 -1.02
CA HIS A 205 -8.46 -3.95 -1.97
C HIS A 205 -9.42 -5.11 -1.85
N ASP A 206 -10.65 -4.89 -2.35
CA ASP A 206 -11.68 -5.91 -2.49
C ASP A 206 -12.63 -5.48 -3.60
N TYR A 207 -13.18 -6.46 -4.31
CA TYR A 207 -14.05 -6.17 -5.44
C TYR A 207 -15.39 -6.92 -5.41
N ARG A 216 -15.79 -6.34 3.27
CA ARG A 216 -15.00 -7.50 2.91
C ARG A 216 -13.51 -7.21 3.01
N CYS A 217 -13.05 -6.84 4.20
CA CYS A 217 -11.68 -6.38 4.39
C CYS A 217 -10.81 -7.32 5.19
N GLU A 218 -11.40 -8.24 5.94
CA GLU A 218 -10.66 -9.00 6.93
C GLU A 218 -10.87 -10.49 6.71
N THR A 219 -9.78 -11.25 6.75
CA THR A 219 -9.83 -12.69 6.70
C THR A 219 -8.76 -13.20 7.67
N SER A 220 -8.43 -14.49 7.55
CA SER A 220 -7.42 -15.07 8.42
C SER A 220 -6.44 -15.86 7.57
N VAL A 221 -5.25 -16.11 8.14
CA VAL A 221 -4.26 -16.95 7.48
C VAL A 221 -4.85 -18.31 7.20
N GLY A 222 -5.59 -18.87 8.17
CA GLY A 222 -6.31 -20.11 7.99
C GLY A 222 -7.24 -20.11 6.80
N GLU A 223 -8.21 -19.18 6.76
CA GLU A 223 -9.13 -19.13 5.63
C GLU A 223 -8.38 -19.06 4.30
N GLN A 224 -7.30 -18.28 4.25
CA GLN A 224 -6.53 -18.14 3.02
C GLN A 224 -5.84 -19.45 2.64
N ARG A 225 -5.20 -20.09 3.63
CA ARG A 225 -4.34 -21.22 3.31
C ARG A 225 -5.11 -22.34 2.62
N ARG A 226 -6.37 -22.56 2.98
CA ARG A 226 -7.13 -23.66 2.41
C ARG A 226 -8.15 -23.25 1.35
N HIS A 227 -8.49 -21.96 1.27
CA HIS A 227 -9.64 -21.57 0.46
C HIS A 227 -9.35 -20.47 -0.54
N ASN A 228 -8.11 -20.04 -0.69
CA ASN A 228 -7.82 -19.01 -1.69
C ASN A 228 -7.85 -19.63 -3.08
N VAL A 229 -8.75 -19.12 -3.93
CA VAL A 229 -8.99 -19.66 -5.26
C VAL A 229 -7.76 -19.62 -6.17
N HIS A 230 -6.74 -18.83 -5.81
CA HIS A 230 -5.50 -18.73 -6.58
C HIS A 230 -4.31 -19.41 -5.91
N VAL A 231 -4.23 -19.40 -4.58
CA VAL A 231 -3.04 -19.90 -3.88
C VAL A 231 -3.41 -20.68 -2.64
N ARG A 232 -4.49 -21.45 -2.71
CA ARG A 232 -4.76 -22.48 -1.71
C ARG A 232 -3.53 -23.36 -1.50
N GLU A 233 -3.51 -24.08 -0.38
CA GLU A 233 -2.52 -25.13 -0.23
C GLU A 233 -2.76 -26.21 -1.28
N GLY A 234 -1.68 -26.68 -1.89
CA GLY A 234 -1.75 -27.62 -2.99
C GLY A 234 -1.46 -26.99 -4.34
N VAL A 235 -1.52 -25.67 -4.44
CA VAL A 235 -1.12 -24.95 -5.65
C VAL A 235 0.38 -24.71 -5.59
N ASP A 236 1.11 -25.34 -6.51
CA ASP A 236 2.56 -25.24 -6.55
C ASP A 236 3.02 -23.92 -7.21
N GLU A 237 4.32 -23.67 -7.08
CA GLU A 237 4.91 -22.42 -7.55
C GLU A 237 4.74 -22.25 -9.06
N GLU A 238 5.04 -23.29 -9.84
CA GLU A 238 5.01 -23.14 -11.29
C GLU A 238 3.60 -23.02 -11.83
N ALA A 239 2.62 -23.68 -11.20
CA ALA A 239 1.24 -23.54 -11.63
C ALA A 239 0.75 -22.11 -11.40
N PHE A 240 0.92 -21.59 -10.19
CA PHE A 240 0.44 -20.25 -9.88
C PHE A 240 1.03 -19.22 -10.82
N VAL A 241 2.34 -19.28 -11.06
CA VAL A 241 3.02 -18.29 -11.90
C VAL A 241 2.38 -18.26 -13.28
N ALA A 242 2.19 -19.44 -13.87
CA ALA A 242 1.59 -19.52 -15.20
C ALA A 242 0.24 -18.81 -15.24
N MET A 243 -0.62 -19.11 -14.27
CA MET A 243 -1.95 -18.50 -14.26
C MET A 243 -1.86 -16.99 -14.02
N ARG A 244 -0.99 -16.57 -13.10
CA ARG A 244 -0.87 -15.16 -12.77
C ARG A 244 -0.45 -14.35 -13.99
N GLN A 245 0.57 -14.82 -14.69
CA GLN A 245 1.04 -14.11 -15.88
C GLN A 245 0.02 -14.18 -17.01
N GLN A 246 -0.73 -15.29 -17.07
CA GLN A 246 -1.77 -15.43 -18.08
C GLN A 246 -2.93 -14.47 -17.82
N ARG A 247 -3.36 -14.33 -16.56
CA ARG A 247 -4.36 -13.32 -16.28
C ARG A 247 -3.80 -11.91 -16.50
N ASP A 248 -2.59 -11.65 -16.00
CA ASP A 248 -2.01 -10.31 -16.15
C ASP A 248 -2.01 -9.84 -17.60
N ALA A 249 -1.69 -10.75 -18.53
CA ALA A 249 -1.66 -10.39 -19.93
C ALA A 249 -3.01 -9.89 -20.43
N THR A 250 -4.10 -10.37 -19.84
CA THR A 250 -5.44 -9.95 -20.24
C THR A 250 -5.87 -8.63 -19.63
N LEU A 251 -5.07 -8.04 -18.74
CA LEU A 251 -5.52 -6.91 -17.94
C LEU A 251 -5.06 -5.59 -18.57
N GLY A 252 -6.00 -4.66 -18.74
CA GLY A 252 -5.65 -3.30 -19.05
C GLY A 252 -4.98 -2.62 -17.86
N MET A 253 -4.19 -1.59 -18.16
CA MET A 253 -3.44 -0.93 -17.12
C MET A 253 -4.38 -0.21 -16.18
N PRO A 254 -4.08 -0.18 -14.87
CA PRO A 254 -4.95 0.56 -13.94
C PRO A 254 -5.14 1.99 -14.41
N THR A 255 -6.37 2.48 -14.27
CA THR A 255 -6.72 3.79 -14.80
C THR A 255 -5.81 4.88 -14.26
N LEU A 256 -5.54 4.84 -12.95
CA LEU A 256 -4.84 5.92 -12.28
C LEU A 256 -3.34 5.68 -12.17
N MET A 257 -2.82 4.66 -12.85
CA MET A 257 -1.45 4.23 -12.61
C MET A 257 -0.45 5.34 -12.84
N LEU A 258 -0.55 6.04 -13.97
CA LEU A 258 0.46 7.04 -14.27
C LEU A 258 0.35 8.25 -13.34
N PRO A 259 -0.84 8.79 -13.05
CA PRO A 259 -0.89 9.82 -11.98
C PRO A 259 -0.47 9.31 -10.61
N ALA A 260 -0.85 8.08 -10.24
CA ALA A 260 -0.63 7.61 -8.87
C ALA A 260 0.85 7.41 -8.58
N ILE A 261 1.59 6.77 -9.51
CA ILE A 261 2.99 6.47 -9.22
C ILE A 261 3.77 7.76 -9.02
N GLN A 262 3.55 8.76 -9.86
CA GLN A 262 4.42 9.93 -9.80
C GLN A 262 4.11 10.80 -8.59
N VAL A 263 2.91 10.69 -8.01
CA VAL A 263 2.65 11.31 -6.73
C VAL A 263 3.17 10.42 -5.59
N ASN A 264 2.90 9.12 -5.66
CA ASN A 264 3.21 8.25 -4.52
C ASN A 264 4.71 8.02 -4.39
N MET A 265 5.43 7.91 -5.50
CA MET A 265 6.88 7.84 -5.43
C MET A 265 7.49 9.07 -4.79
N ARG A 266 6.73 10.16 -4.65
CA ARG A 266 7.20 11.32 -3.93
C ARG A 266 6.72 11.35 -2.49
N GLY A 267 6.23 10.23 -1.97
CA GLY A 267 5.61 10.27 -0.67
C GLY A 267 4.24 10.93 -0.64
N GLY A 268 3.62 11.16 -1.79
CA GLY A 268 2.34 11.81 -1.82
C GLY A 268 2.40 13.30 -1.99
N ASN A 269 3.58 13.86 -2.23
CA ASN A 269 3.68 15.25 -2.64
C ASN A 269 3.24 15.36 -4.09
N LEU A 270 2.44 16.36 -4.38
CA LEU A 270 2.14 16.68 -5.76
C LEU A 270 3.41 17.18 -6.44
N PRO A 271 3.45 17.19 -7.77
CA PRO A 271 4.63 17.73 -8.46
C PRO A 271 4.75 19.21 -8.21
N PRO A 272 5.94 19.79 -8.41
CA PRO A 272 6.15 21.21 -8.05
C PRO A 272 5.21 22.14 -8.80
N VAL A 273 5.06 23.33 -8.24
CA VAL A 273 4.30 24.40 -8.87
C VAL A 273 5.16 25.06 -9.93
N GLU A 274 4.58 25.32 -11.08
CA GLU A 274 5.27 26.10 -12.10
C GLU A 274 4.92 27.58 -11.92
N GLY A 275 5.64 28.44 -12.64
CA GLY A 275 5.39 29.88 -12.54
C GLY A 275 3.96 30.26 -12.83
N ASN A 276 3.27 29.39 -13.57
CA ASN A 276 1.82 29.44 -13.73
C ASN A 276 1.09 29.59 -12.41
N GLY A 277 1.66 29.05 -11.33
CA GLY A 277 0.90 28.81 -10.12
C GLY A 277 0.18 27.48 -10.10
N VAL A 278 0.33 26.67 -11.14
CA VAL A 278 -0.37 25.40 -11.28
C VAL A 278 0.64 24.26 -11.22
N ARG A 279 0.23 23.13 -10.65
CA ARG A 279 1.03 21.92 -10.67
C ARG A 279 0.53 20.98 -11.75
N TYR A 280 1.45 20.20 -12.33
CA TYR A 280 1.18 19.36 -13.48
C TYR A 280 1.70 17.93 -13.30
N LEU A 281 0.90 16.96 -13.70
CA LEU A 281 1.38 15.59 -13.88
C LEU A 281 1.98 15.45 -15.27
N LYS A 282 2.91 14.51 -15.42
CA LYS A 282 3.47 14.16 -16.72
C LYS A 282 2.99 12.77 -17.11
N ILE A 283 2.44 12.65 -18.30
CA ILE A 283 1.91 11.37 -18.74
C ILE A 283 2.76 10.90 -19.91
N PRO A 284 3.66 9.93 -19.72
CA PRO A 284 4.48 9.45 -20.83
C PRO A 284 3.62 8.89 -21.95
N LEU A 285 3.97 9.25 -23.17
CA LEU A 285 3.25 8.79 -24.33
C LEU A 285 3.94 7.58 -24.92
N ASP A 286 3.16 6.54 -25.18
CA ASP A 286 3.59 5.38 -25.95
C ASP A 286 4.78 4.68 -25.31
N LEU A 287 4.84 4.70 -23.98
CA LEU A 287 5.95 4.10 -23.26
C LEU A 287 5.59 2.76 -22.64
N PHE A 288 4.30 2.48 -22.47
CA PHE A 288 3.84 1.24 -21.85
C PHE A 288 3.08 0.36 -22.85
C1 PEG B . 7.49 -8.49 17.74
O1 PEG B . 8.72 -7.84 17.63
C2 PEG B . 6.50 -7.87 16.75
O2 PEG B . 5.43 -8.75 16.53
C3 PEG B . 5.82 -10.00 16.03
C4 PEG B . 4.84 -11.07 16.47
O4 PEG B . 3.55 -10.56 16.32
ZN ZN C . -1.36 -2.23 -5.36
CL CL D . 8.27 7.50 15.51
CL CL E . -18.33 -1.31 2.84
#